data_3HWP
#
_entry.id   3HWP
#
_cell.length_a   124.785
_cell.length_b   132.612
_cell.length_c   95.059
_cell.angle_alpha   90.00
_cell.angle_beta   90.00
_cell.angle_gamma   90.00
#
_symmetry.space_group_name_H-M   'C 2 2 21'
#
loop_
_entity.id
_entity.type
_entity.pdbx_description
1 polymer PhlG
2 non-polymer 'ZINC ION'
3 non-polymer 'CHLORIDE ION'
4 non-polymer 'NICKEL (II) ION'
5 water water
#
_entity_poly.entity_id   1
_entity_poly.type   'polypeptide(L)'
_entity_poly.pdbx_seq_one_letter_code
;(MSE)GHHHHHH(MSE)EARN(MSE)TPFTYFSLP(MSE)QKLFLRNQAAVRNKPYAKYFRSE(MSE)RVPLSAVRKIQQ
GP(MSE)ALEDTLTPSIEDINRLLEPDFVSEESGYALLPGP(MSE)AYVQSRKFFPGCTAQ(MSE)FKWWFIWHPAESER
YTLWFPYAHVSNPCVHHQRLRDESLSFEERLYGNTFCASEYVGDRL(MSE)HLHIDFQQPASLGLNTDLYREAKIDGSVS
AL(MSE)SLADHPEVPVSL(MSE)VHLFKEVPDG(MSE)YLTSRYWVGAHPS(MSE)ARFPGAEKAASLLKENGFGEAEL
ETLAYEFAVHD(MSE)CEFNHLASFLPDLYREFGTPAA
;
_entity_poly.pdbx_strand_id   A,B
#
# COMPACT_ATOMS: atom_id res chain seq x y z
N ARG A 12 -5.08 -21.76 -4.15
CA ARG A 12 -5.85 -21.78 -5.39
C ARG A 12 -6.29 -20.38 -5.80
N ASN A 13 -6.93 -19.64 -4.92
CA ASN A 13 -7.31 -18.26 -5.24
C ASN A 13 -6.18 -17.29 -4.97
N THR A 15 -4.40 -13.50 -6.06
CA THR A 15 -4.90 -12.18 -6.44
C THR A 15 -3.70 -11.25 -6.59
N PRO A 16 -3.73 -10.36 -7.60
CA PRO A 16 -2.55 -9.51 -7.82
C PRO A 16 -2.46 -8.43 -6.74
N PHE A 17 -1.25 -8.21 -6.20
CA PHE A 17 -1.08 -7.09 -5.28
C PHE A 17 -1.29 -5.78 -6.05
N THR A 18 -1.98 -4.84 -5.42
CA THR A 18 -2.50 -3.67 -6.13
C THR A 18 -1.81 -2.36 -5.75
N TYR A 19 -1.03 -2.39 -4.67
CA TYR A 19 -0.38 -1.17 -4.19
C TYR A 19 1.14 -1.34 -4.13
N PHE A 20 1.86 -0.32 -4.59
CA PHE A 20 3.32 -0.27 -4.47
C PHE A 20 3.71 1.19 -4.19
N SER A 21 4.42 1.44 -3.09
CA SER A 21 4.68 2.83 -2.70
C SER A 21 5.38 3.59 -3.84
N LEU A 22 5.26 4.92 -3.83
CA LEU A 22 5.86 5.73 -4.88
C LEU A 22 7.35 5.41 -5.11
N PRO A 23 8.16 5.36 -4.03
CA PRO A 23 9.59 5.07 -4.21
C PRO A 23 9.82 3.69 -4.83
N GLN A 25 7.69 2.18 -6.96
CA GLN A 25 7.35 2.30 -8.38
C GLN A 25 8.55 2.86 -9.15
N LYS A 26 9.22 3.83 -8.56
CA LYS A 26 10.41 4.40 -9.20
C LYS A 26 11.51 3.34 -9.30
N LEU A 27 11.71 2.58 -8.22
CA LEU A 27 12.70 1.51 -8.27
C LEU A 27 12.37 0.49 -9.37
N PHE A 28 11.09 0.24 -9.58
CA PHE A 28 10.68 -0.72 -10.60
C PHE A 28 11.20 -0.30 -11.98
N LEU A 29 10.99 0.98 -12.29
CA LEU A 29 11.41 1.55 -13.57
C LEU A 29 12.92 1.47 -13.73
N ARG A 30 13.66 1.72 -12.66
CA ARG A 30 15.12 1.59 -12.66
CA ARG A 30 15.11 1.60 -12.71
C ARG A 30 15.53 0.14 -12.94
N ASN A 31 14.92 -0.80 -12.20
CA ASN A 31 15.22 -2.22 -12.36
C ASN A 31 14.84 -2.76 -13.72
N GLN A 32 13.73 -2.25 -14.26
CA GLN A 32 13.25 -2.64 -15.57
C GLN A 32 14.25 -2.25 -16.65
N ALA A 33 14.85 -1.06 -16.53
CA ALA A 33 15.89 -0.66 -17.48
C ALA A 33 17.14 -1.54 -17.34
N ALA A 34 17.54 -1.76 -16.11
CA ALA A 34 18.75 -2.53 -15.82
C ALA A 34 18.69 -3.99 -16.31
N VAL A 35 17.53 -4.64 -16.22
CA VAL A 35 17.42 -6.06 -16.53
C VAL A 35 17.19 -6.34 -18.02
N ARG A 36 16.86 -5.28 -18.76
CA ARG A 36 16.43 -5.41 -20.14
C ARG A 36 17.27 -6.36 -21.01
N ASN A 37 18.59 -6.28 -20.92
CA ASN A 37 19.45 -7.08 -21.79
C ASN A 37 20.08 -8.30 -21.11
N LYS A 38 19.48 -8.73 -20.01
CA LYS A 38 19.91 -9.96 -19.32
C LYS A 38 19.25 -11.16 -19.97
N PRO A 39 19.90 -12.33 -19.87
CA PRO A 39 19.40 -13.59 -20.43
C PRO A 39 18.06 -13.99 -19.82
N TYR A 40 17.83 -13.56 -18.59
CA TYR A 40 16.65 -13.94 -17.83
C TYR A 40 15.63 -12.80 -17.71
N ALA A 41 15.71 -11.84 -18.63
CA ALA A 41 14.81 -10.70 -18.60
C ALA A 41 13.33 -11.11 -18.65
N LYS A 42 13.05 -12.20 -19.34
CA LYS A 42 11.65 -12.64 -19.46
C LYS A 42 11.06 -13.03 -18.11
N TYR A 43 11.91 -13.21 -17.11
CA TYR A 43 11.42 -13.54 -15.76
C TYR A 43 11.13 -12.31 -14.91
N PHE A 44 11.48 -11.13 -15.41
CA PHE A 44 11.19 -9.87 -14.72
C PHE A 44 9.75 -9.50 -15.05
N ARG A 45 8.89 -9.55 -14.04
CA ARG A 45 7.45 -9.44 -14.24
C ARG A 45 6.84 -8.39 -13.31
N SER A 46 5.88 -7.63 -13.81
CA SER A 46 5.26 -6.56 -13.03
C SER A 46 4.09 -7.02 -12.14
N GLU A 47 3.44 -8.12 -12.49
CA GLU A 47 2.34 -8.61 -11.66
C GLU A 47 2.83 -9.57 -10.58
N ARG A 49 1.36 -11.91 -7.68
CA ARG A 49 0.14 -12.49 -7.11
C ARG A 49 0.39 -13.11 -5.74
N VAL A 50 -0.57 -12.92 -4.84
CA VAL A 50 -0.49 -13.45 -3.47
C VAL A 50 -1.79 -14.18 -3.13
N PRO A 51 -1.78 -15.05 -2.11
CA PRO A 51 -3.02 -15.75 -1.77
C PRO A 51 -4.04 -14.77 -1.19
N LEU A 52 -5.26 -14.81 -1.71
CA LEU A 52 -6.34 -13.94 -1.26
C LEU A 52 -6.55 -14.11 0.23
N SER A 53 -6.57 -15.37 0.69
CA SER A 53 -6.73 -15.64 2.11
C SER A 53 -5.65 -14.93 2.94
N ALA A 54 -4.39 -15.11 2.53
CA ALA A 54 -3.27 -14.56 3.28
C ALA A 54 -3.30 -13.04 3.36
N VAL A 55 -3.53 -12.38 2.23
CA VAL A 55 -3.52 -10.93 2.20
C VAL A 55 -4.68 -10.36 3.03
N ARG A 56 -5.85 -11.00 2.95
CA ARG A 56 -6.99 -10.58 3.75
C ARG A 56 -6.71 -10.55 5.23
N LYS A 57 -5.91 -11.52 5.70
CA LYS A 57 -5.62 -11.65 7.12
C LYS A 57 -4.76 -10.53 7.68
N ILE A 58 -4.07 -9.80 6.80
CA ILE A 58 -3.26 -8.69 7.27
C ILE A 58 -3.84 -7.33 6.86
N GLN A 59 -5.16 -7.25 6.74
CA GLN A 59 -5.82 -5.98 6.40
C GLN A 59 -6.66 -5.44 7.54
N GLN A 60 -6.77 -6.20 8.63
CA GLN A 60 -7.61 -5.75 9.74
C GLN A 60 -6.87 -5.68 11.06
N GLY A 61 -5.71 -5.03 11.04
CA GLY A 61 -4.95 -4.78 12.25
C GLY A 61 -3.99 -5.89 12.62
N PRO A 62 -3.16 -5.62 13.63
CA PRO A 62 -2.15 -6.51 14.19
C PRO A 62 -2.81 -7.71 14.85
N ALA A 64 -3.56 -10.55 17.81
CA ALA A 64 -3.67 -10.52 19.26
C ALA A 64 -2.35 -10.99 19.84
N LEU A 65 -1.85 -10.26 20.84
CA LEU A 65 -0.57 -10.58 21.46
C LEU A 65 -0.47 -12.05 21.85
N GLU A 66 -1.60 -12.63 22.26
CA GLU A 66 -1.61 -14.00 22.73
C GLU A 66 -1.22 -15.02 21.66
N ASP A 67 -1.31 -14.62 20.39
CA ASP A 67 -1.03 -15.55 19.28
C ASP A 67 0.37 -15.32 18.67
N THR A 68 1.10 -14.35 19.22
CA THR A 68 2.42 -14.01 18.69
C THR A 68 3.52 -14.84 19.35
N LEU A 69 4.74 -14.71 18.83
CA LEU A 69 5.92 -15.34 19.41
C LEU A 69 7.00 -14.28 19.63
N THR A 70 7.85 -14.49 20.63
CA THR A 70 9.04 -13.68 20.82
C THR A 70 10.23 -14.47 20.30
N PRO A 71 11.44 -13.87 20.29
CA PRO A 71 12.62 -14.63 19.86
C PRO A 71 13.12 -15.62 20.89
N SER A 72 12.39 -15.80 22.00
CA SER A 72 12.85 -16.68 23.07
C SER A 72 13.03 -18.14 22.62
N ILE A 73 13.84 -18.89 23.36
CA ILE A 73 14.03 -20.31 23.09
C ILE A 73 12.71 -21.06 23.08
N GLU A 74 11.89 -20.84 24.10
CA GLU A 74 10.56 -21.47 24.18
C GLU A 74 9.70 -21.20 22.94
N ASP A 75 9.66 -19.95 22.51
CA ASP A 75 8.81 -19.57 21.39
C ASP A 75 9.28 -20.11 20.03
N ILE A 76 10.58 -19.96 19.72
CA ILE A 76 11.07 -20.40 18.43
C ILE A 76 11.00 -21.91 18.28
N ASN A 77 11.13 -22.63 19.38
CA ASN A 77 11.03 -24.07 19.32
C ASN A 77 9.61 -24.59 19.14
N ARG A 78 8.61 -23.73 19.33
CA ARG A 78 7.22 -24.12 19.07
C ARG A 78 7.08 -24.52 17.61
N LEU A 79 7.91 -23.92 16.76
CA LEU A 79 7.88 -24.20 15.33
C LEU A 79 8.25 -25.65 15.00
N LEU A 80 8.91 -26.33 15.94
CA LEU A 80 9.35 -27.71 15.67
C LEU A 80 8.39 -28.78 16.16
N GLU A 81 7.31 -28.38 16.84
CA GLU A 81 6.31 -29.34 17.32
C GLU A 81 5.68 -30.11 16.15
N PRO A 82 5.54 -31.44 16.29
CA PRO A 82 5.05 -32.25 15.16
C PRO A 82 3.62 -31.88 14.76
N ASP A 83 2.81 -31.44 15.71
CA ASP A 83 1.44 -31.10 15.40
C ASP A 83 1.29 -29.62 14.98
N PHE A 84 2.43 -28.95 14.79
CA PHE A 84 2.40 -27.52 14.49
C PHE A 84 2.39 -27.26 12.98
N VAL A 85 1.44 -26.44 12.54
CA VAL A 85 1.44 -25.97 11.16
C VAL A 85 1.13 -24.49 11.20
N SER A 86 2.02 -23.68 10.63
CA SER A 86 1.96 -22.24 10.78
C SER A 86 0.78 -21.63 10.05
N GLU A 87 0.21 -20.57 10.60
CA GLU A 87 -0.73 -19.73 9.88
C GLU A 87 -0.04 -19.06 8.70
N GLU A 88 -0.84 -18.61 7.73
CA GLU A 88 -0.32 -18.06 6.48
C GLU A 88 0.31 -16.69 6.60
N SER A 89 -0.18 -15.89 7.54
CA SER A 89 0.21 -14.49 7.63
C SER A 89 -0.16 -13.87 8.97
N GLY A 90 0.34 -12.67 9.22
CA GLY A 90 0.03 -11.95 10.45
C GLY A 90 1.22 -11.15 10.94
N TYR A 91 0.95 -10.03 11.62
CA TYR A 91 2.04 -9.18 12.10
C TYR A 91 1.61 -8.55 13.42
N ALA A 92 2.57 -7.98 14.14
CA ALA A 92 2.27 -7.35 15.42
C ALA A 92 3.43 -6.55 15.94
N LEU A 93 3.16 -5.66 16.88
CA LEU A 93 4.21 -5.00 17.64
C LEU A 93 4.28 -5.66 19.01
N LEU A 94 5.47 -6.09 19.40
CA LEU A 94 5.69 -6.72 20.69
C LEU A 94 6.38 -5.74 21.63
N PRO A 95 6.13 -5.88 22.94
CA PRO A 95 6.95 -5.11 23.88
C PRO A 95 8.40 -5.47 23.62
N GLY A 96 9.29 -4.48 23.65
CA GLY A 96 10.66 -4.70 23.28
C GLY A 96 11.40 -3.40 23.09
N PRO A 97 10.94 -2.56 22.14
CA PRO A 97 9.84 -2.84 21.21
C PRO A 97 10.34 -3.64 20.00
N ALA A 99 9.09 -5.42 16.01
CA ALA A 99 8.17 -5.81 14.95
C ALA A 99 8.18 -7.33 14.81
N TYR A 100 7.02 -7.91 14.55
CA TYR A 100 6.85 -9.35 14.44
C TYR A 100 6.05 -9.72 13.20
N VAL A 101 6.52 -10.72 12.46
CA VAL A 101 5.81 -11.25 11.30
C VAL A 101 5.84 -12.76 11.31
N GLN A 102 4.69 -13.38 11.05
CA GLN A 102 4.58 -14.83 10.85
C GLN A 102 4.04 -15.12 9.45
N SER A 103 4.50 -16.19 8.82
CA SER A 103 3.96 -16.55 7.52
C SER A 103 4.32 -17.98 7.11
N ARG A 104 3.59 -18.50 6.14
CA ARG A 104 3.87 -19.81 5.56
C ARG A 104 3.48 -19.76 4.09
N LYS A 105 4.46 -19.95 3.21
CA LYS A 105 4.24 -19.85 1.77
C LYS A 105 4.36 -21.21 1.13
N PHE A 106 3.53 -21.47 0.12
CA PHE A 106 3.62 -22.71 -0.65
C PHE A 106 4.34 -22.46 -1.98
N PHE A 107 5.20 -23.40 -2.36
CA PHE A 107 5.95 -23.33 -3.61
C PHE A 107 5.59 -24.54 -4.47
N PRO A 108 4.61 -24.37 -5.37
CA PRO A 108 4.15 -25.54 -6.13
C PRO A 108 5.26 -26.04 -7.07
N GLY A 109 5.49 -27.35 -7.05
CA GLY A 109 6.47 -27.95 -7.93
C GLY A 109 7.92 -27.65 -7.60
N CYS A 110 8.17 -27.08 -6.43
CA CYS A 110 9.51 -26.67 -6.04
C CYS A 110 10.13 -27.67 -5.07
N THR A 111 11.43 -27.95 -5.23
CA THR A 111 12.12 -28.86 -4.33
C THR A 111 13.09 -28.10 -3.43
N ALA A 112 13.57 -28.75 -2.39
CA ALA A 112 14.56 -28.14 -1.50
C ALA A 112 15.82 -27.74 -2.28
N GLN A 113 16.22 -28.59 -3.22
CA GLN A 113 17.41 -28.36 -4.01
C GLN A 113 17.30 -27.11 -4.89
N PHE A 115 15.36 -24.56 -4.17
CA PHE A 115 15.31 -23.42 -3.27
C PHE A 115 16.72 -23.05 -2.82
N LYS A 116 17.53 -24.07 -2.53
CA LYS A 116 18.93 -23.85 -2.18
C LYS A 116 19.69 -23.24 -3.36
N TRP A 117 19.45 -23.77 -4.55
CA TRP A 117 20.07 -23.21 -5.76
C TRP A 117 19.82 -21.71 -5.86
N TRP A 118 18.59 -21.29 -5.60
CA TRP A 118 18.23 -19.88 -5.66
C TRP A 118 19.15 -19.00 -4.81
N PHE A 119 19.44 -19.45 -3.60
CA PHE A 119 20.28 -18.66 -2.69
C PHE A 119 21.77 -18.66 -3.08
N ILE A 120 22.18 -19.64 -3.88
CA ILE A 120 23.53 -19.65 -4.43
C ILE A 120 23.61 -18.77 -5.66
N TRP A 121 22.55 -18.78 -6.46
CA TRP A 121 22.56 -18.21 -7.81
C TRP A 121 22.30 -16.71 -7.88
N HIS A 122 21.32 -16.22 -7.14
CA HIS A 122 20.87 -14.83 -7.29
C HIS A 122 21.90 -13.77 -6.84
N PRO A 123 22.70 -14.05 -5.81
CA PRO A 123 23.67 -13.03 -5.38
C PRO A 123 24.74 -12.71 -6.40
N ALA A 124 24.92 -13.56 -7.41
CA ALA A 124 25.94 -13.32 -8.44
C ALA A 124 25.74 -12.02 -9.22
N GLU A 125 24.49 -11.62 -9.43
CA GLU A 125 24.19 -10.39 -10.15
C GLU A 125 23.00 -9.70 -9.50
N SER A 126 23.10 -8.39 -9.28
CA SER A 126 21.99 -7.64 -8.71
C SER A 126 20.69 -7.81 -9.51
N GLU A 127 20.81 -7.86 -10.83
CA GLU A 127 19.63 -7.99 -11.67
C GLU A 127 18.84 -9.28 -11.35
N ARG A 128 19.53 -10.32 -10.88
CA ARG A 128 18.86 -11.54 -10.45
C ARG A 128 18.03 -11.31 -9.18
N TYR A 129 18.62 -10.60 -8.22
CA TYR A 129 17.94 -10.20 -6.99
C TYR A 129 16.65 -9.44 -7.33
N THR A 130 16.67 -8.66 -8.40
CA THR A 130 15.47 -7.89 -8.77
C THR A 130 14.32 -8.73 -9.34
N LEU A 131 14.60 -9.92 -9.88
CA LEU A 131 13.51 -10.79 -10.33
C LEU A 131 12.60 -11.18 -9.17
N TRP A 132 13.20 -11.38 -8.01
CA TRP A 132 12.53 -11.82 -6.79
C TRP A 132 11.47 -10.79 -6.35
N PHE A 133 11.81 -9.51 -6.46
CA PHE A 133 10.90 -8.44 -6.04
C PHE A 133 11.25 -7.19 -6.83
N PRO A 134 10.75 -7.11 -8.08
CA PRO A 134 11.07 -6.01 -9.00
C PRO A 134 10.90 -4.63 -8.37
N TYR A 135 9.93 -4.45 -7.49
CA TYR A 135 9.61 -3.12 -6.95
C TYR A 135 10.41 -2.75 -5.71
N ALA A 136 11.11 -3.71 -5.09
CA ALA A 136 11.72 -3.45 -3.78
C ALA A 136 13.21 -3.72 -3.69
N HIS A 137 13.72 -4.61 -4.54
CA HIS A 137 15.11 -5.04 -4.40
C HIS A 137 16.11 -4.21 -5.19
N VAL A 138 17.23 -3.88 -4.54
CA VAL A 138 18.30 -3.19 -5.23
C VAL A 138 19.47 -4.14 -5.47
N SER A 139 20.12 -4.56 -4.39
CA SER A 139 21.31 -5.40 -4.50
C SER A 139 21.51 -6.26 -3.27
N ASN A 140 22.27 -7.34 -3.42
CA ASN A 140 22.43 -8.31 -2.34
C ASN A 140 23.74 -9.10 -2.38
N PRO A 141 24.89 -8.40 -2.54
CA PRO A 141 26.18 -9.09 -2.64
C PRO A 141 26.66 -9.62 -1.30
N CYS A 142 27.23 -10.82 -1.28
CA CYS A 142 27.82 -11.35 -0.05
C CYS A 142 29.31 -11.06 0.07
N VAL A 143 29.81 -11.15 1.29
CA VAL A 143 31.18 -10.82 1.56
C VAL A 143 32.15 -11.81 0.92
N HIS A 144 31.82 -13.10 1.01
CA HIS A 144 32.70 -14.15 0.52
C HIS A 144 32.07 -14.88 -0.65
N HIS A 145 32.12 -14.26 -1.82
CA HIS A 145 31.42 -14.81 -2.97
C HIS A 145 32.11 -16.05 -3.53
N GLN A 146 33.41 -16.17 -3.29
CA GLN A 146 34.12 -17.39 -3.69
C GLN A 146 33.62 -18.59 -2.88
N ARG A 147 33.46 -18.39 -1.57
CA ARG A 147 32.93 -19.43 -0.70
C ARG A 147 31.52 -19.85 -1.14
N LEU A 148 30.72 -18.87 -1.56
CA LEU A 148 29.34 -19.12 -1.98
C LEU A 148 29.31 -20.10 -3.15
N ARG A 149 30.26 -19.96 -4.08
CA ARG A 149 30.30 -20.83 -5.26
C ARG A 149 31.23 -22.05 -5.12
N ASP A 150 31.72 -22.31 -3.91
CA ASP A 150 32.66 -23.40 -3.69
C ASP A 150 31.96 -24.76 -3.56
N GLU A 151 32.05 -25.58 -4.61
CA GLU A 151 31.34 -26.86 -4.63
C GLU A 151 31.91 -27.93 -3.69
N SER A 152 33.10 -27.68 -3.15
CA SER A 152 33.66 -28.60 -2.17
C SER A 152 33.02 -28.40 -0.79
N LEU A 153 32.19 -27.37 -0.68
CA LEU A 153 31.50 -27.06 0.57
C LEU A 153 30.01 -27.38 0.47
N SER A 154 29.43 -27.84 1.58
CA SER A 154 28.00 -28.06 1.64
C SER A 154 27.26 -26.72 1.55
N PHE A 155 25.95 -26.79 1.31
CA PHE A 155 25.11 -25.59 1.26
C PHE A 155 25.32 -24.75 2.50
N GLU A 156 25.27 -25.40 3.65
CA GLU A 156 25.46 -24.73 4.92
C GLU A 156 26.82 -24.03 5.02
N GLU A 157 27.88 -24.71 4.59
CA GLU A 157 29.21 -24.11 4.65
C GLU A 157 29.37 -22.94 3.68
N ARG A 158 28.64 -22.99 2.58
CA ARG A 158 28.70 -21.91 1.60
C ARG A 158 27.93 -20.68 2.06
N LEU A 159 26.78 -20.91 2.70
CA LEU A 159 25.85 -19.84 3.01
C LEU A 159 26.04 -19.23 4.40
N TYR A 160 26.29 -20.07 5.40
CA TYR A 160 26.33 -19.59 6.76
C TYR A 160 27.61 -18.81 7.06
N GLY A 161 27.52 -17.77 7.88
CA GLY A 161 28.67 -16.98 8.25
C GLY A 161 29.25 -16.24 7.07
N ASN A 162 28.38 -15.92 6.12
CA ASN A 162 28.77 -15.22 4.91
C ASN A 162 27.87 -14.01 4.72
N THR A 163 28.23 -12.89 5.35
CA THR A 163 27.30 -11.76 5.44
C THR A 163 26.80 -11.28 4.08
N PHE A 164 25.48 -11.27 3.90
CA PHE A 164 24.89 -10.63 2.73
C PHE A 164 24.51 -9.18 3.05
N CYS A 165 24.79 -8.28 2.12
CA CYS A 165 24.46 -6.88 2.33
C CYS A 165 23.28 -6.49 1.44
N ALA A 166 22.07 -6.72 1.95
CA ALA A 166 20.86 -6.48 1.19
C ALA A 166 20.46 -5.00 1.23
N SER A 167 20.24 -4.43 0.05
CA SER A 167 19.67 -3.10 -0.06
C SER A 167 18.32 -3.28 -0.69
N GLU A 168 17.27 -2.86 0.03
CA GLU A 168 15.90 -3.07 -0.44
C GLU A 168 14.93 -2.16 0.31
N TYR A 169 13.83 -1.80 -0.35
CA TYR A 169 12.76 -1.07 0.30
C TYR A 169 11.88 -2.02 1.10
N VAL A 170 11.54 -1.60 2.30
CA VAL A 170 10.46 -2.19 3.08
C VAL A 170 9.41 -1.10 3.23
N GLY A 171 8.32 -1.21 2.48
CA GLY A 171 7.34 -0.14 2.42
C GLY A 171 7.95 1.01 1.65
N ASP A 172 8.04 2.18 2.28
CA ASP A 172 8.67 3.30 1.58
C ASP A 172 10.07 3.62 2.12
N ARG A 173 10.59 2.75 2.98
CA ARG A 173 11.90 2.95 3.60
C ARG A 173 12.96 2.08 2.95
N LEU A 174 13.93 2.74 2.30
CA LEU A 174 15.08 2.03 1.75
C LEU A 174 15.97 1.54 2.89
N HIS A 176 19.31 -0.96 4.38
CA HIS A 176 20.56 -1.64 4.08
C HIS A 176 20.82 -2.64 5.20
N LEU A 177 20.43 -3.88 4.96
CA LEU A 177 20.47 -4.90 5.99
C LEU A 177 21.65 -5.82 5.75
N HIS A 178 22.38 -6.12 6.81
CA HIS A 178 23.44 -7.12 6.75
C HIS A 178 22.83 -8.41 7.29
N ILE A 179 22.77 -9.42 6.43
CA ILE A 179 22.10 -10.67 6.75
C ILE A 179 23.12 -11.78 6.92
N ASP A 180 23.23 -12.32 8.13
CA ASP A 180 24.17 -13.40 8.39
C ASP A 180 23.44 -14.71 8.66
N PHE A 181 23.36 -15.55 7.65
CA PHE A 181 22.75 -16.87 7.81
C PHE A 181 23.55 -17.69 8.82
N GLN A 182 22.86 -18.51 9.59
CA GLN A 182 23.43 -19.21 10.73
C GLN A 182 22.87 -20.62 10.90
N GLN A 183 23.68 -21.53 11.44
CA GLN A 183 23.16 -22.84 11.84
C GLN A 183 21.95 -22.67 12.76
N PRO A 184 20.89 -23.43 12.49
CA PRO A 184 19.70 -23.38 13.35
C PRO A 184 20.04 -23.56 14.82
N ALA A 185 20.92 -24.51 15.14
CA ALA A 185 21.29 -24.79 16.53
C ALA A 185 21.97 -23.58 17.22
N SER A 186 22.78 -22.85 16.48
CA SER A 186 23.41 -21.65 17.05
C SER A 186 22.37 -20.56 17.29
N LEU A 187 21.20 -20.68 16.67
CA LEU A 187 20.12 -19.71 16.89
C LEU A 187 19.20 -20.14 18.03
N GLY A 188 19.47 -21.30 18.62
CA GLY A 188 18.69 -21.77 19.75
C GLY A 188 17.64 -22.81 19.42
N LEU A 189 17.58 -23.22 18.16
CA LEU A 189 16.67 -24.29 17.76
C LEU A 189 17.22 -25.65 18.19
N ASN A 190 16.39 -26.45 18.86
CA ASN A 190 16.78 -27.77 19.36
C ASN A 190 17.08 -28.76 18.23
N THR A 191 18.29 -29.29 18.20
CA THR A 191 18.74 -30.18 17.13
C THR A 191 17.94 -31.49 17.01
N ASP A 192 17.62 -32.11 18.14
CA ASP A 192 16.83 -33.34 18.13
C ASP A 192 15.44 -33.10 17.55
N LEU A 193 14.72 -32.13 18.08
CA LEU A 193 13.42 -31.75 17.54
C LEU A 193 13.48 -31.36 16.08
N TYR A 194 14.53 -30.62 15.71
CA TYR A 194 14.69 -30.16 14.34
C TYR A 194 14.80 -31.38 13.43
N ARG A 195 15.61 -32.34 13.83
CA ARG A 195 15.80 -33.58 13.08
CA ARG A 195 15.78 -33.54 13.02
C ARG A 195 14.47 -34.34 12.95
N GLU A 196 13.76 -34.46 14.07
CA GLU A 196 12.52 -35.21 14.10
C GLU A 196 11.43 -34.52 13.27
N ALA A 197 11.56 -33.20 13.11
CA ALA A 197 10.60 -32.45 12.30
C ALA A 197 10.86 -32.63 10.81
N LYS A 198 11.94 -33.35 10.49
CA LYS A 198 12.33 -33.63 9.11
C LYS A 198 12.37 -32.39 8.20
N ILE A 199 13.01 -31.34 8.68
CA ILE A 199 13.14 -30.10 7.91
C ILE A 199 14.23 -30.25 6.85
N ASP A 200 13.92 -29.83 5.61
CA ASP A 200 14.87 -30.00 4.51
C ASP A 200 15.97 -28.94 4.45
N GLY A 201 15.72 -27.78 5.04
CA GLY A 201 16.72 -26.72 5.02
C GLY A 201 16.32 -25.51 5.82
N SER A 202 17.30 -24.64 6.07
CA SER A 202 17.08 -23.41 6.80
C SER A 202 17.83 -22.25 6.16
N VAL A 203 17.13 -21.12 5.97
CA VAL A 203 17.80 -19.86 5.65
C VAL A 203 17.50 -18.83 6.75
N SER A 204 17.39 -19.33 7.97
CA SER A 204 17.33 -18.50 9.17
C SER A 204 18.62 -17.69 9.33
N ALA A 205 18.54 -16.52 9.94
CA ALA A 205 19.69 -15.62 10.04
C ALA A 205 19.55 -14.58 11.15
N LEU A 206 20.67 -13.96 11.50
CA LEU A 206 20.64 -12.74 12.28
C LEU A 206 20.76 -11.60 11.28
N SER A 208 21.48 -7.22 10.92
CA SER A 208 21.80 -5.94 11.52
C SER A 208 21.65 -4.86 10.46
N LEU A 209 21.51 -3.61 10.88
CA LEU A 209 21.45 -2.50 9.95
C LEU A 209 22.88 -2.12 9.53
N ALA A 210 23.03 -1.60 8.32
CA ALA A 210 24.37 -1.22 7.86
C ALA A 210 24.95 -0.14 8.77
N ASP A 211 24.07 0.69 9.33
CA ASP A 211 24.44 1.72 10.30
C ASP A 211 25.40 1.23 11.38
N HIS A 212 25.07 0.12 12.04
CA HIS A 212 25.99 -0.47 13.02
C HIS A 212 25.99 -1.98 12.87
N PRO A 213 26.75 -2.49 11.89
CA PRO A 213 26.66 -3.87 11.41
C PRO A 213 26.92 -4.91 12.50
N GLU A 214 27.52 -4.51 13.60
CA GLU A 214 27.89 -5.44 14.67
CA GLU A 214 27.85 -5.48 14.64
C GLU A 214 26.81 -5.53 15.76
N VAL A 215 25.69 -4.85 15.57
CA VAL A 215 24.60 -4.92 16.52
C VAL A 215 23.38 -5.61 15.91
N PRO A 216 23.08 -6.84 16.36
CA PRO A 216 21.91 -7.54 15.85
C PRO A 216 20.62 -6.83 16.24
N VAL A 217 19.81 -6.50 15.24
CA VAL A 217 18.49 -5.93 15.50
C VAL A 217 17.40 -6.90 15.05
N SER A 218 17.81 -8.05 14.54
CA SER A 218 16.82 -8.97 14.01
C SER A 218 17.24 -10.43 14.03
N LEU A 219 16.27 -11.28 14.34
CA LEU A 219 16.38 -12.70 14.12
C LEU A 219 15.33 -13.07 13.08
N VAL A 221 13.70 -16.64 11.25
CA VAL A 221 13.68 -18.09 11.13
C VAL A 221 12.92 -18.46 9.86
N HIS A 222 13.57 -19.23 9.01
CA HIS A 222 13.03 -19.63 7.72
C HIS A 222 13.32 -21.12 7.56
N LEU A 223 12.28 -21.95 7.66
CA LEU A 223 12.43 -23.41 7.59
C LEU A 223 11.63 -23.95 6.42
N PHE A 224 12.30 -24.69 5.53
CA PHE A 224 11.65 -25.23 4.35
C PHE A 224 11.62 -26.76 4.32
N LYS A 225 10.48 -27.29 3.88
CA LYS A 225 10.22 -28.72 3.93
C LYS A 225 9.33 -29.15 2.77
N GLU A 226 9.78 -30.18 2.07
CA GLU A 226 9.10 -30.68 0.88
C GLU A 226 7.81 -31.43 1.19
N VAL A 227 6.87 -31.34 0.26
CA VAL A 227 5.72 -32.24 0.23
C VAL A 227 5.75 -32.84 -1.18
N PRO A 228 4.90 -33.83 -1.46
CA PRO A 228 4.99 -34.44 -2.80
C PRO A 228 4.77 -33.44 -3.95
N ASP A 229 3.94 -32.43 -3.75
CA ASP A 229 3.58 -31.49 -4.80
C ASP A 229 4.42 -30.22 -4.80
N GLY A 230 5.36 -30.12 -3.86
CA GLY A 230 6.25 -28.97 -3.83
C GLY A 230 6.87 -28.74 -2.47
N TYR A 232 6.87 -26.05 1.33
CA TYR A 232 6.42 -24.95 2.20
C TYR A 232 7.58 -24.25 2.89
N LEU A 233 7.51 -22.93 2.97
CA LEU A 233 8.48 -22.13 3.72
C LEU A 233 7.75 -21.54 4.91
N THR A 234 8.17 -21.92 6.11
CA THR A 234 7.66 -21.30 7.33
C THR A 234 8.64 -20.23 7.78
N SER A 235 8.15 -19.02 8.03
CA SER A 235 9.03 -17.89 8.35
C SER A 235 8.56 -17.13 9.58
N ARG A 236 9.51 -16.62 10.35
CA ARG A 236 9.21 -15.73 11.46
C ARG A 236 10.23 -14.59 11.40
N TYR A 237 9.74 -13.37 11.49
CA TYR A 237 10.61 -12.19 11.51
C TYR A 237 10.46 -11.47 12.84
N TRP A 238 11.59 -11.14 13.47
CA TRP A 238 11.61 -10.26 14.63
C TRP A 238 12.64 -9.15 14.37
N VAL A 239 12.19 -7.90 14.40
CA VAL A 239 13.08 -6.77 14.17
C VAL A 239 12.86 -5.74 15.27
N GLY A 240 13.92 -5.46 16.02
CA GLY A 240 13.82 -4.53 17.13
C GLY A 240 14.75 -4.90 18.28
N ALA A 241 14.30 -4.64 19.49
CA ALA A 241 15.04 -5.01 20.70
C ALA A 241 14.17 -5.91 21.57
N HIS A 242 14.78 -6.88 22.23
CA HIS A 242 14.07 -7.77 23.14
C HIS A 242 15.08 -8.43 24.06
N PRO A 243 14.70 -8.65 25.33
CA PRO A 243 15.67 -9.22 26.27
C PRO A 243 16.16 -10.60 25.85
N SER A 244 15.35 -11.35 25.11
CA SER A 244 15.76 -12.70 24.69
C SER A 244 16.88 -12.68 23.67
N ALA A 246 19.60 -11.11 23.90
CA ALA A 246 20.89 -10.92 24.56
C ALA A 246 21.86 -12.08 24.37
N ARG A 247 21.34 -13.25 23.99
CA ARG A 247 22.20 -14.40 23.73
C ARG A 247 23.04 -14.21 22.46
N PHE A 248 22.76 -13.14 21.72
CA PHE A 248 23.52 -12.84 20.51
C PHE A 248 24.42 -11.64 20.81
N PRO A 249 25.74 -11.78 20.59
CA PRO A 249 26.68 -10.72 20.96
C PRO A 249 26.33 -9.39 20.29
N GLY A 250 26.34 -8.31 21.06
CA GLY A 250 26.07 -6.98 20.52
C GLY A 250 24.61 -6.58 20.61
N ALA A 251 23.72 -7.56 20.72
CA ALA A 251 22.29 -7.31 20.69
C ALA A 251 21.82 -6.43 21.85
N GLU A 252 22.54 -6.44 22.96
CA GLU A 252 22.12 -5.64 24.10
C GLU A 252 22.15 -4.14 23.75
N LYS A 253 22.85 -3.80 22.68
CA LYS A 253 22.98 -2.40 22.25
C LYS A 253 21.85 -1.95 21.31
N ALA A 254 20.96 -2.88 21.00
CA ALA A 254 19.90 -2.62 20.02
C ALA A 254 18.94 -1.52 20.44
N ALA A 255 18.49 -1.56 21.68
CA ALA A 255 17.48 -0.64 22.16
C ALA A 255 17.93 0.82 21.99
N SER A 256 19.19 1.09 22.31
CA SER A 256 19.74 2.44 22.18
C SER A 256 19.91 2.82 20.72
N LEU A 257 20.46 1.91 19.93
CA LEU A 257 20.65 2.14 18.51
C LEU A 257 19.31 2.49 17.86
N LEU A 258 18.29 1.72 18.20
CA LEU A 258 16.95 1.92 17.65
C LEU A 258 16.44 3.32 17.99
N LYS A 259 16.44 3.64 19.28
CA LYS A 259 16.04 4.96 19.74
C LYS A 259 16.80 6.09 19.06
N GLU A 260 18.12 5.96 18.95
CA GLU A 260 18.93 7.03 18.37
C GLU A 260 18.75 7.12 16.85
N ASN A 261 18.29 6.03 16.24
CA ASN A 261 17.77 6.14 14.90
C ASN A 261 16.28 6.43 15.09
N GLY A 262 15.46 6.26 14.06
CA GLY A 262 14.08 6.70 14.21
C GLY A 262 13.08 5.70 14.78
N PHE A 263 13.56 4.55 15.25
CA PHE A 263 12.70 3.39 15.47
C PHE A 263 12.00 3.28 16.82
N GLY A 264 10.93 4.04 17.00
CA GLY A 264 10.10 3.92 18.18
C GLY A 264 9.00 2.91 17.96
N GLU A 265 8.08 2.80 18.92
CA GLU A 265 6.96 1.88 18.81
C GLU A 265 6.16 2.04 17.52
N ALA A 266 5.71 3.27 17.25
CA ALA A 266 4.91 3.51 16.05
C ALA A 266 5.65 3.08 14.77
N GLU A 267 6.93 3.43 14.67
CA GLU A 267 7.70 3.11 13.48
C GLU A 267 7.90 1.60 13.32
N LEU A 268 7.99 0.89 14.44
CA LEU A 268 8.19 -0.56 14.39
C LEU A 268 6.89 -1.31 14.12
N GLU A 269 5.77 -0.76 14.55
CA GLU A 269 4.49 -1.41 14.24
C GLU A 269 4.21 -1.31 12.75
N THR A 270 4.51 -0.14 12.18
CA THR A 270 4.43 0.10 10.74
C THR A 270 5.30 -0.88 9.98
N LEU A 271 6.56 -0.97 10.40
CA LEU A 271 7.50 -1.88 9.78
C LEU A 271 7.03 -3.33 9.82
N ALA A 272 6.37 -3.72 10.91
CA ALA A 272 5.85 -5.08 11.03
C ALA A 272 4.89 -5.39 9.88
N TYR A 273 3.94 -4.48 9.63
CA TYR A 273 3.01 -4.66 8.54
C TYR A 273 3.69 -4.61 7.18
N GLU A 274 4.62 -3.66 7.01
CA GLU A 274 5.32 -3.54 5.74
C GLU A 274 6.19 -4.76 5.44
N PHE A 275 6.80 -5.33 6.49
CA PHE A 275 7.59 -6.55 6.33
C PHE A 275 6.67 -7.71 5.92
N ALA A 276 5.48 -7.74 6.51
CA ALA A 276 4.52 -8.80 6.20
C ALA A 276 4.12 -8.74 4.73
N VAL A 277 3.86 -7.54 4.24
CA VAL A 277 3.54 -7.35 2.83
C VAL A 277 4.73 -7.78 1.94
N HIS A 278 5.92 -7.31 2.29
CA HIS A 278 7.15 -7.60 1.54
C HIS A 278 7.42 -9.10 1.44
N ASP A 279 7.43 -9.76 2.60
CA ASP A 279 7.58 -11.21 2.67
C ASP A 279 6.56 -11.93 1.78
N CYS A 281 4.68 -10.79 -0.80
CA CYS A 281 4.88 -10.54 -2.21
C CYS A 281 6.10 -11.28 -2.78
N GLU A 282 7.25 -11.12 -2.15
CA GLU A 282 8.48 -11.66 -2.72
C GLU A 282 8.49 -13.19 -2.80
N PHE A 283 8.04 -13.86 -1.74
CA PHE A 283 8.13 -15.31 -1.71
C PHE A 283 7.08 -16.00 -2.59
N ASN A 284 5.86 -15.44 -2.67
CA ASN A 284 4.86 -15.98 -3.59
C ASN A 284 5.26 -15.73 -5.05
N HIS A 285 5.87 -14.58 -5.31
CA HIS A 285 6.35 -14.26 -6.65
C HIS A 285 7.49 -15.20 -7.06
N LEU A 286 8.44 -15.39 -6.16
CA LEU A 286 9.49 -16.37 -6.39
C LEU A 286 8.89 -17.75 -6.69
N ALA A 287 7.93 -18.16 -5.88
CA ALA A 287 7.30 -19.47 -6.10
C ALA A 287 6.72 -19.61 -7.52
N SER A 288 6.25 -18.51 -8.10
CA SER A 288 5.58 -18.56 -9.40
C SER A 288 6.52 -18.83 -10.58
N PHE A 289 7.82 -18.61 -10.40
CA PHE A 289 8.74 -18.85 -11.50
C PHE A 289 9.97 -19.72 -11.18
N LEU A 290 10.23 -19.97 -9.91
CA LEU A 290 11.49 -20.64 -9.54
C LEU A 290 11.75 -21.98 -10.25
N PRO A 291 10.76 -22.89 -10.29
CA PRO A 291 11.02 -24.14 -10.98
C PRO A 291 11.36 -23.98 -12.47
N ASP A 292 10.67 -23.07 -13.16
CA ASP A 292 10.97 -22.78 -14.55
C ASP A 292 12.36 -22.17 -14.69
N LEU A 293 12.66 -21.20 -13.82
CA LEU A 293 13.95 -20.54 -13.84
C LEU A 293 15.10 -21.52 -13.62
N TYR A 294 14.92 -22.42 -12.65
CA TYR A 294 15.92 -23.44 -12.32
C TYR A 294 16.18 -24.36 -13.51
N ARG A 295 15.10 -24.77 -14.18
CA ARG A 295 15.24 -25.64 -15.34
C ARG A 295 16.00 -24.95 -16.44
N GLU A 296 15.70 -23.67 -16.65
CA GLU A 296 16.33 -22.92 -17.73
C GLU A 296 17.76 -22.46 -17.41
N PHE A 297 18.03 -22.13 -16.15
CA PHE A 297 19.32 -21.53 -15.79
C PHE A 297 20.16 -22.32 -14.79
N GLY A 298 19.64 -23.47 -14.35
CA GLY A 298 20.45 -24.38 -13.56
C GLY A 298 21.77 -24.57 -14.29
N THR A 299 21.69 -24.59 -15.62
CA THR A 299 22.84 -24.66 -16.52
C THR A 299 23.66 -25.91 -16.25
N ARG B 12 -16.68 -6.08 -16.19
CA ARG B 12 -15.28 -5.67 -16.15
C ARG B 12 -14.50 -6.54 -15.18
N ASN B 13 -13.18 -6.55 -15.33
CA ASN B 13 -12.32 -7.29 -14.44
C ASN B 13 -12.00 -6.47 -13.19
N THR B 15 -10.90 -6.22 -9.10
CA THR B 15 -10.00 -6.96 -8.24
C THR B 15 -9.95 -6.29 -6.88
N PRO B 16 -9.83 -7.09 -5.81
CA PRO B 16 -9.83 -6.50 -4.47
C PRO B 16 -8.57 -5.71 -4.18
N PHE B 17 -8.72 -4.49 -3.65
CA PHE B 17 -7.53 -3.77 -3.21
C PHE B 17 -6.87 -4.51 -2.05
N THR B 18 -5.55 -4.63 -2.10
CA THR B 18 -4.84 -5.53 -1.20
C THR B 18 -4.06 -4.85 -0.09
N TYR B 19 -3.98 -3.52 -0.12
CA TYR B 19 -3.14 -2.82 0.85
C TYR B 19 -3.89 -1.68 1.55
N PHE B 20 -3.81 -1.65 2.89
CA PHE B 20 -4.31 -0.52 3.67
C PHE B 20 -3.30 -0.16 4.76
N SER B 21 -2.89 1.10 4.81
CA SER B 21 -1.84 1.54 5.74
C SER B 21 -2.22 1.17 7.17
N LEU B 22 -1.21 0.97 8.02
CA LEU B 22 -1.44 0.63 9.42
C LEU B 22 -2.47 1.53 10.12
N PRO B 23 -2.28 2.86 10.09
CA PRO B 23 -3.27 3.69 10.78
C PRO B 23 -4.69 3.50 10.21
N GLN B 25 -5.89 0.66 9.01
CA GLN B 25 -6.40 -0.62 9.51
C GLN B 25 -6.98 -0.44 10.89
N LYS B 26 -6.30 0.33 11.72
CA LYS B 26 -6.80 0.63 13.05
C LYS B 26 -8.10 1.44 13.01
N LEU B 27 -8.19 2.40 12.11
CA LEU B 27 -9.42 3.18 11.97
C LEU B 27 -10.57 2.27 11.54
N PHE B 28 -10.28 1.36 10.61
CA PHE B 28 -11.27 0.43 10.14
C PHE B 28 -11.98 -0.25 11.31
N LEU B 29 -11.20 -0.75 12.27
CA LEU B 29 -11.76 -1.45 13.40
C LEU B 29 -12.66 -0.55 14.24
N ARG B 30 -12.20 0.65 14.53
CA ARG B 30 -13.02 1.61 15.28
C ARG B 30 -14.33 1.92 14.54
N ASN B 31 -14.23 2.11 13.23
CA ASN B 31 -15.39 2.36 12.39
C ASN B 31 -16.35 1.18 12.37
N GLN B 32 -15.79 -0.02 12.28
CA GLN B 32 -16.58 -1.24 12.26
C GLN B 32 -17.44 -1.36 13.53
N ALA B 33 -16.86 -1.03 14.68
CA ALA B 33 -17.58 -1.08 15.94
C ALA B 33 -18.64 0.02 16.04
N ALA B 34 -18.34 1.20 15.52
CA ALA B 34 -19.26 2.32 15.60
C ALA B 34 -20.51 2.11 14.76
N VAL B 35 -20.38 1.34 13.68
CA VAL B 35 -21.49 1.21 12.75
C VAL B 35 -22.42 0.05 13.11
N ARG B 36 -21.96 -0.80 14.01
CA ARG B 36 -22.62 -2.06 14.37
C ARG B 36 -24.14 -2.03 14.44
N ASN B 37 -24.69 -1.07 15.16
CA ASN B 37 -26.12 -1.06 15.44
C ASN B 37 -26.93 -0.18 14.49
N LYS B 38 -26.29 0.36 13.47
CA LYS B 38 -26.98 1.22 12.52
C LYS B 38 -27.78 0.39 11.51
N PRO B 39 -28.91 0.91 11.06
CA PRO B 39 -29.78 0.20 10.13
C PRO B 39 -29.05 -0.07 8.84
N TYR B 40 -28.07 0.76 8.52
CA TYR B 40 -27.30 0.60 7.28
C TYR B 40 -25.98 -0.14 7.48
N ALA B 41 -25.82 -0.80 8.64
CA ALA B 41 -24.57 -1.52 8.92
C ALA B 41 -24.23 -2.59 7.88
N LYS B 42 -25.24 -3.15 7.25
CA LYS B 42 -24.98 -4.21 6.27
C LYS B 42 -24.22 -3.70 5.04
N TYR B 43 -24.16 -2.38 4.90
CA TYR B 43 -23.48 -1.78 3.75
C TYR B 43 -22.03 -1.44 4.08
N PHE B 44 -21.64 -1.68 5.33
CA PHE B 44 -20.27 -1.48 5.77
C PHE B 44 -19.47 -2.74 5.47
N ARG B 45 -18.64 -2.67 4.44
CA ARG B 45 -17.96 -3.87 3.92
C ARG B 45 -16.46 -3.65 3.80
N SER B 46 -15.69 -4.68 4.15
CA SER B 46 -14.22 -4.57 4.16
C SER B 46 -13.58 -4.68 2.78
N GLU B 47 -14.23 -5.40 1.86
CA GLU B 47 -13.63 -5.59 0.54
C GLU B 47 -13.95 -4.44 -0.40
N ARG B 49 -13.29 -3.31 -4.19
CA ARG B 49 -12.87 -3.78 -5.50
C ARG B 49 -12.65 -2.61 -6.47
N VAL B 50 -11.61 -2.70 -7.28
CA VAL B 50 -11.27 -1.65 -8.24
C VAL B 50 -11.02 -2.28 -9.61
N PRO B 51 -11.12 -1.48 -10.68
CA PRO B 51 -10.83 -2.01 -12.02
C PRO B 51 -9.37 -2.41 -12.17
N LEU B 52 -9.10 -3.62 -12.64
CA LEU B 52 -7.72 -4.06 -12.82
C LEU B 52 -7.00 -3.15 -13.83
N SER B 53 -7.72 -2.74 -14.87
CA SER B 53 -7.12 -1.86 -15.89
C SER B 53 -6.69 -0.53 -15.29
N ALA B 54 -7.54 0.03 -14.43
CA ALA B 54 -7.27 1.32 -13.80
C ALA B 54 -6.09 1.24 -12.85
N VAL B 55 -6.09 0.23 -12.00
CA VAL B 55 -5.06 0.13 -10.97
C VAL B 55 -3.66 -0.13 -11.56
N ARG B 56 -3.59 -0.92 -12.63
CA ARG B 56 -2.31 -1.17 -13.27
C ARG B 56 -1.67 0.11 -13.81
N LYS B 57 -2.50 1.06 -14.24
CA LYS B 57 -1.98 2.31 -14.81
C LYS B 57 -1.36 3.20 -13.75
N ILE B 58 -1.57 2.90 -12.48
CA ILE B 58 -0.92 3.72 -11.45
C ILE B 58 0.07 2.89 -10.63
N GLN B 59 0.67 1.87 -11.25
CA GLN B 59 1.63 1.03 -10.57
C GLN B 59 3.07 1.19 -11.09
N GLN B 60 3.23 1.93 -12.17
CA GLN B 60 4.55 2.05 -12.78
C GLN B 60 4.97 3.51 -12.97
N GLY B 61 4.79 4.31 -11.92
CA GLY B 61 5.25 5.68 -11.93
C GLY B 61 4.21 6.70 -12.38
N PRO B 62 4.59 7.98 -12.39
CA PRO B 62 3.70 9.09 -12.75
C PRO B 62 3.50 9.19 -14.26
N ALA B 64 3.30 11.07 -18.01
CA ALA B 64 4.13 12.05 -18.69
C ALA B 64 3.44 13.40 -18.57
N LEU B 65 4.21 14.44 -18.32
CA LEU B 65 3.65 15.77 -18.07
C LEU B 65 2.82 16.26 -19.24
N GLU B 66 3.20 15.84 -20.45
CA GLU B 66 2.48 16.19 -21.67
C GLU B 66 1.01 15.81 -21.63
N ASP B 67 0.70 14.74 -20.91
CA ASP B 67 -0.67 14.24 -20.83
C ASP B 67 -1.46 14.84 -19.68
N THR B 68 -0.82 15.67 -18.87
CA THR B 68 -1.49 16.25 -17.70
C THR B 68 -2.18 17.58 -18.00
N LEU B 69 -2.91 18.08 -17.01
CA LEU B 69 -3.55 19.40 -17.10
C LEU B 69 -3.13 20.25 -15.91
N THR B 70 -3.12 21.55 -16.09
CA THR B 70 -2.99 22.49 -14.99
C THR B 70 -4.40 22.93 -14.63
N PRO B 71 -4.55 23.67 -13.51
CA PRO B 71 -5.89 24.15 -13.13
C PRO B 71 -6.24 25.47 -13.83
N SER B 72 -5.56 25.81 -14.92
CA SER B 72 -5.85 27.03 -15.66
C SER B 72 -7.25 26.95 -16.27
N ILE B 73 -7.87 28.10 -16.51
CA ILE B 73 -9.17 28.12 -17.14
C ILE B 73 -9.14 27.41 -18.50
N GLU B 74 -8.12 27.68 -19.30
CA GLU B 74 -7.98 27.00 -20.59
C GLU B 74 -7.90 25.48 -20.46
N ASP B 75 -7.11 24.98 -19.51
CA ASP B 75 -6.91 23.54 -19.37
C ASP B 75 -8.17 22.80 -18.89
N ILE B 76 -8.79 23.28 -17.83
CA ILE B 76 -9.93 22.57 -17.26
C ILE B 76 -11.12 22.47 -18.22
N ASN B 77 -11.23 23.45 -19.14
CA ASN B 77 -12.31 23.43 -20.12
C ASN B 77 -12.14 22.37 -21.21
N ARG B 78 -10.94 21.81 -21.33
CA ARG B 78 -10.72 20.69 -22.23
C ARG B 78 -11.57 19.51 -21.81
N LEU B 79 -11.95 19.49 -20.53
CA LEU B 79 -12.79 18.41 -20.02
C LEU B 79 -14.18 18.50 -20.63
N LEU B 80 -14.50 19.63 -21.26
CA LEU B 80 -15.85 19.87 -21.74
C LEU B 80 -15.94 19.82 -23.27
N GLU B 81 -14.88 19.35 -23.91
CA GLU B 81 -14.87 19.28 -25.38
C GLU B 81 -15.65 18.08 -25.89
N PRO B 82 -16.40 18.30 -26.98
CA PRO B 82 -17.44 17.41 -27.53
C PRO B 82 -17.10 15.92 -27.46
N ASP B 83 -15.97 15.51 -28.02
CA ASP B 83 -15.64 14.09 -28.06
C ASP B 83 -14.55 13.71 -27.07
N PHE B 84 -14.54 14.38 -25.92
CA PHE B 84 -13.55 14.08 -24.89
C PHE B 84 -14.00 12.97 -23.95
N VAL B 85 -13.08 12.04 -23.69
CA VAL B 85 -13.31 10.97 -22.72
C VAL B 85 -12.06 10.79 -21.89
N SER B 86 -12.18 10.93 -20.57
CA SER B 86 -11.03 10.84 -19.68
C SER B 86 -10.48 9.43 -19.61
N GLU B 87 -9.16 9.32 -19.43
CA GLU B 87 -8.54 8.05 -19.08
C GLU B 87 -8.96 7.66 -17.67
N GLU B 88 -8.86 6.38 -17.35
CA GLU B 88 -9.38 5.83 -16.09
C GLU B 88 -8.67 6.36 -14.85
N SER B 89 -7.36 6.56 -14.96
CA SER B 89 -6.52 6.86 -13.81
C SER B 89 -5.19 7.46 -14.26
N GLY B 90 -4.38 7.87 -13.29
CA GLY B 90 -3.08 8.49 -13.55
C GLY B 90 -2.80 9.60 -12.57
N TYR B 91 -1.53 9.76 -12.19
CA TYR B 91 -1.09 10.79 -11.26
C TYR B 91 0.24 11.40 -11.70
N ALA B 92 0.52 12.61 -11.24
CA ALA B 92 1.84 13.20 -11.47
C ALA B 92 2.10 14.37 -10.55
N LEU B 93 3.37 14.73 -10.41
CA LEU B 93 3.70 15.99 -9.76
C LEU B 93 3.98 17.03 -10.83
N LEU B 94 3.25 18.14 -10.79
CA LEU B 94 3.43 19.21 -11.77
C LEU B 94 4.37 20.28 -11.23
N PRO B 95 5.03 21.05 -12.12
CA PRO B 95 5.71 22.24 -11.64
C PRO B 95 4.70 23.08 -10.90
N GLY B 96 5.07 23.61 -9.74
CA GLY B 96 4.15 24.38 -8.93
C GLY B 96 4.72 24.68 -7.56
N PRO B 97 4.93 23.65 -6.73
CA PRO B 97 4.71 22.24 -7.05
C PRO B 97 3.24 21.86 -6.82
N ALA B 99 0.42 18.37 -6.80
CA ALA B 99 -0.06 17.01 -7.03
C ALA B 99 -1.23 17.04 -8.01
N TYR B 100 -1.26 16.07 -8.93
CA TYR B 100 -2.30 15.99 -9.94
C TYR B 100 -2.82 14.55 -10.06
N VAL B 101 -4.15 14.41 -10.08
CA VAL B 101 -4.78 13.11 -10.26
C VAL B 101 -5.87 13.24 -11.33
N GLN B 102 -5.91 12.28 -12.25
CA GLN B 102 -7.00 12.20 -13.22
C GLN B 102 -7.67 10.85 -13.06
N SER B 103 -8.99 10.79 -13.20
CA SER B 103 -9.67 9.52 -13.17
C SER B 103 -11.03 9.57 -13.85
N ARG B 104 -11.56 8.40 -14.16
CA ARG B 104 -12.93 8.28 -14.63
C ARG B 104 -13.48 6.97 -14.10
N LYS B 105 -14.58 7.04 -13.36
CA LYS B 105 -15.16 5.86 -12.74
C LYS B 105 -16.54 5.58 -13.31
N PHE B 106 -16.90 4.31 -13.39
CA PHE B 106 -18.23 3.92 -13.84
C PHE B 106 -19.05 3.40 -12.68
N PHE B 107 -20.31 3.84 -12.61
CA PHE B 107 -21.25 3.43 -11.57
C PHE B 107 -22.40 2.61 -12.18
N PRO B 108 -22.28 1.27 -12.16
CA PRO B 108 -23.30 0.41 -12.76
C PRO B 108 -24.69 0.63 -12.16
N GLY B 109 -25.68 0.88 -13.01
CA GLY B 109 -27.05 1.03 -12.58
C GLY B 109 -27.34 2.18 -11.63
N CYS B 110 -26.48 3.20 -11.67
CA CYS B 110 -26.63 4.36 -10.81
C CYS B 110 -27.14 5.53 -11.63
N THR B 111 -28.04 6.31 -11.04
CA THR B 111 -28.54 7.51 -11.68
C THR B 111 -27.92 8.73 -11.02
N ALA B 112 -28.05 9.88 -11.67
CA ALA B 112 -27.59 11.15 -11.10
C ALA B 112 -28.32 11.49 -9.81
N GLN B 113 -29.62 11.19 -9.77
CA GLN B 113 -30.40 11.44 -8.56
C GLN B 113 -29.86 10.65 -7.37
N PHE B 115 -26.77 9.69 -7.01
CA PHE B 115 -25.46 10.26 -6.66
C PHE B 115 -25.62 11.56 -5.88
N LYS B 116 -26.57 12.39 -6.31
CA LYS B 116 -26.86 13.63 -5.60
C LYS B 116 -27.38 13.36 -4.20
N TRP B 117 -28.24 12.35 -4.08
CA TRP B 117 -28.78 11.95 -2.78
C TRP B 117 -27.66 11.53 -1.83
N TRP B 118 -26.69 10.76 -2.34
CA TRP B 118 -25.57 10.35 -1.48
C TRP B 118 -24.92 11.57 -0.84
N PHE B 119 -24.66 12.59 -1.63
CA PHE B 119 -23.96 13.75 -1.10
C PHE B 119 -24.74 14.53 -0.06
N ILE B 120 -26.07 14.43 -0.14
CA ILE B 120 -26.98 15.08 0.79
C ILE B 120 -27.25 14.23 2.04
N TRP B 121 -27.18 12.92 1.88
CA TRP B 121 -27.56 12.00 2.95
C TRP B 121 -26.42 11.63 3.91
N HIS B 122 -25.24 11.35 3.39
CA HIS B 122 -24.16 10.81 4.24
C HIS B 122 -23.59 11.76 5.30
N PRO B 123 -23.60 13.08 5.05
CA PRO B 123 -22.94 13.92 6.06
C PRO B 123 -23.67 14.04 7.40
N ALA B 124 -24.90 13.56 7.47
CA ALA B 124 -25.69 13.59 8.71
C ALA B 124 -25.07 12.82 9.88
N GLU B 125 -24.46 11.67 9.59
CA GLU B 125 -23.82 10.85 10.63
C GLU B 125 -22.45 10.38 10.14
N SER B 126 -21.44 10.50 11.00
CA SER B 126 -20.12 9.97 10.67
C SER B 126 -20.18 8.54 10.15
N GLU B 127 -21.03 7.70 10.75
CA GLU B 127 -21.09 6.29 10.39
C GLU B 127 -21.42 6.10 8.92
N ARG B 128 -22.25 6.99 8.37
CA ARG B 128 -22.60 6.97 6.94
C ARG B 128 -21.38 7.28 6.06
N TYR B 129 -20.60 8.28 6.47
CA TYR B 129 -19.39 8.66 5.77
C TYR B 129 -18.39 7.49 5.74
N THR B 130 -18.34 6.70 6.80
CA THR B 130 -17.46 5.53 6.82
C THR B 130 -17.84 4.43 5.81
N LEU B 131 -19.12 4.33 5.43
CA LEU B 131 -19.50 3.32 4.42
C LEU B 131 -18.70 3.51 3.13
N TRP B 132 -18.55 4.77 2.74
CA TRP B 132 -17.83 5.18 1.53
C TRP B 132 -16.38 4.66 1.48
N PHE B 133 -15.68 4.74 2.61
CA PHE B 133 -14.29 4.27 2.68
C PHE B 133 -14.04 3.86 4.12
N PRO B 134 -14.39 2.62 4.49
CA PRO B 134 -14.31 2.13 5.87
C PRO B 134 -12.93 2.29 6.50
N TYR B 135 -11.88 2.27 5.67
CA TYR B 135 -10.51 2.30 6.19
C TYR B 135 -9.99 3.71 6.41
N ALA B 136 -10.59 4.68 5.73
CA ALA B 136 -9.99 6.03 5.69
C ALA B 136 -10.85 7.16 6.26
N HIS B 137 -12.17 7.02 6.24
CA HIS B 137 -13.04 8.13 6.60
C HIS B 137 -13.34 8.22 8.09
N VAL B 138 -13.16 9.40 8.66
CA VAL B 138 -13.47 9.61 10.07
C VAL B 138 -14.80 10.35 10.25
N SER B 139 -14.86 11.59 9.75
CA SER B 139 -16.07 12.40 9.85
C SER B 139 -16.07 13.48 8.78
N ASN B 140 -17.26 13.96 8.40
CA ASN B 140 -17.33 15.18 7.57
C ASN B 140 -18.59 16.02 7.77
N PRO B 141 -18.72 16.60 8.97
CA PRO B 141 -19.87 17.47 9.28
C PRO B 141 -19.76 18.74 8.45
N CYS B 142 -20.88 19.29 8.03
CA CYS B 142 -20.84 20.58 7.34
C CYS B 142 -21.29 21.67 8.30
N VAL B 143 -21.09 22.92 7.93
CA VAL B 143 -21.43 24.04 8.80
C VAL B 143 -22.93 24.17 8.98
N HIS B 144 -23.69 23.91 7.91
CA HIS B 144 -25.13 24.07 7.94
C HIS B 144 -25.83 22.74 7.69
N HIS B 145 -25.93 21.90 8.73
CA HIS B 145 -26.47 20.56 8.53
C HIS B 145 -27.96 20.56 8.16
N GLN B 146 -28.75 21.45 8.78
CA GLN B 146 -30.18 21.53 8.48
C GLN B 146 -30.45 21.85 7.02
N ARG B 147 -29.59 22.65 6.42
CA ARG B 147 -29.70 23.00 5.01
C ARG B 147 -29.80 21.75 4.10
N LEU B 148 -29.10 20.68 4.47
CA LEU B 148 -29.06 19.49 3.63
C LEU B 148 -30.43 18.81 3.50
N ARG B 149 -31.32 19.05 4.46
CA ARG B 149 -32.65 18.44 4.45
C ARG B 149 -33.76 19.42 4.05
N ASP B 150 -33.38 20.66 3.73
CA ASP B 150 -34.38 21.68 3.42
C ASP B 150 -34.95 21.48 2.01
N GLU B 151 -36.25 21.19 1.94
CA GLU B 151 -36.85 20.81 0.65
C GLU B 151 -37.16 21.99 -0.28
N SER B 152 -37.06 23.21 0.22
CA SER B 152 -37.20 24.36 -0.68
C SER B 152 -35.88 24.63 -1.44
N LEU B 153 -34.89 23.76 -1.25
CA LEU B 153 -33.55 23.98 -1.83
C LEU B 153 -33.15 22.90 -2.80
N SER B 154 -32.59 23.31 -3.93
CA SER B 154 -32.06 22.39 -4.93
C SER B 154 -30.81 21.70 -4.39
N PHE B 155 -30.38 20.63 -5.06
CA PHE B 155 -29.11 19.99 -4.73
C PHE B 155 -28.00 21.03 -4.59
N GLU B 156 -27.88 21.89 -5.59
CA GLU B 156 -26.84 22.92 -5.57
C GLU B 156 -26.96 23.88 -4.37
N GLU B 157 -28.19 24.28 -4.04
CA GLU B 157 -28.41 25.19 -2.91
C GLU B 157 -28.06 24.57 -1.56
N ARG B 158 -28.18 23.24 -1.47
CA ARG B 158 -27.90 22.55 -0.21
C ARG B 158 -26.40 22.38 -0.02
N LEU B 159 -25.68 22.25 -1.12
CA LEU B 159 -24.28 21.88 -1.07
C LEU B 159 -23.32 23.07 -1.20
N TYR B 160 -23.55 23.91 -2.20
CA TYR B 160 -22.61 24.96 -2.54
C TYR B 160 -22.57 26.00 -1.45
N GLY B 161 -21.36 26.36 -1.02
CA GLY B 161 -21.20 27.36 0.02
C GLY B 161 -21.51 26.80 1.39
N ASN B 162 -21.60 25.48 1.49
CA ASN B 162 -21.85 24.80 2.75
C ASN B 162 -20.57 24.05 3.13
N THR B 163 -19.69 24.67 3.89
CA THR B 163 -18.36 24.11 4.10
C THR B 163 -18.40 22.74 4.77
N PHE B 164 -17.72 21.77 4.18
CA PHE B 164 -17.57 20.45 4.80
C PHE B 164 -16.19 20.33 5.43
N CYS B 165 -16.18 19.86 6.67
CA CYS B 165 -14.94 19.67 7.40
C CYS B 165 -14.64 18.17 7.42
N ALA B 166 -13.99 17.69 6.37
CA ALA B 166 -13.66 16.29 6.20
C ALA B 166 -12.40 15.92 6.96
N SER B 167 -12.51 14.87 7.78
CA SER B 167 -11.35 14.31 8.45
C SER B 167 -11.20 12.89 7.94
N GLU B 168 -10.08 12.60 7.29
CA GLU B 168 -9.86 11.28 6.69
C GLU B 168 -8.39 11.08 6.40
N TYR B 169 -7.96 9.80 6.38
CA TYR B 169 -6.60 9.44 5.99
C TYR B 169 -6.43 9.50 4.49
N VAL B 170 -5.31 10.07 4.07
CA VAL B 170 -4.84 9.93 2.70
C VAL B 170 -3.49 9.23 2.83
N GLY B 171 -3.44 7.96 2.42
CA GLY B 171 -2.26 7.15 2.65
C GLY B 171 -2.14 6.93 4.14
N ASP B 172 -1.03 7.31 4.75
CA ASP B 172 -0.90 7.17 6.20
C ASP B 172 -1.07 8.51 6.91
N ARG B 173 -1.48 9.53 6.17
CA ARG B 173 -1.57 10.89 6.71
C ARG B 173 -3.02 11.26 7.02
N LEU B 174 -3.31 11.52 8.29
CA LEU B 174 -4.63 11.97 8.67
C LEU B 174 -4.79 13.44 8.31
N HIS B 176 -7.26 16.99 7.68
CA HIS B 176 -8.46 17.75 8.01
C HIS B 176 -8.64 18.80 6.91
N LEU B 177 -9.61 18.56 6.03
CA LEU B 177 -9.80 19.36 4.83
C LEU B 177 -11.14 20.08 4.83
N HIS B 178 -11.09 21.40 4.70
CA HIS B 178 -12.28 22.22 4.50
C HIS B 178 -12.66 22.17 3.02
N ILE B 179 -13.81 21.59 2.73
CA ILE B 179 -14.23 21.41 1.35
C ILE B 179 -15.37 22.38 1.00
N ASP B 180 -15.12 23.25 0.03
CA ASP B 180 -16.13 24.22 -0.36
C ASP B 180 -16.61 23.95 -1.78
N PHE B 181 -17.69 23.20 -1.89
CA PHE B 181 -18.28 22.91 -3.18
C PHE B 181 -18.76 24.22 -3.80
N GLN B 182 -18.56 24.37 -5.10
CA GLN B 182 -18.98 25.59 -5.78
C GLN B 182 -19.57 25.30 -7.16
N GLN B 183 -20.42 26.22 -7.59
CA GLN B 183 -20.94 26.24 -8.96
C GLN B 183 -19.79 26.13 -9.97
N PRO B 184 -19.93 25.23 -10.94
CA PRO B 184 -18.90 24.95 -11.94
C PRO B 184 -18.41 26.20 -12.66
N ALA B 185 -19.33 27.09 -13.00
CA ALA B 185 -18.97 28.33 -13.67
C ALA B 185 -17.99 29.15 -12.84
N SER B 186 -18.18 29.16 -11.53
CA SER B 186 -17.34 29.95 -10.64
C SER B 186 -15.93 29.38 -10.47
N LEU B 187 -15.76 28.11 -10.83
CA LEU B 187 -14.43 27.51 -10.79
C LEU B 187 -13.70 27.72 -12.11
N GLY B 188 -14.41 28.28 -13.09
CA GLY B 188 -13.80 28.61 -14.36
C GLY B 188 -14.24 27.77 -15.55
N LEU B 189 -15.18 26.86 -15.33
CA LEU B 189 -15.70 26.05 -16.42
C LEU B 189 -16.70 26.85 -17.25
N ASN B 190 -16.77 26.56 -18.54
CA ASN B 190 -17.59 27.37 -19.46
C ASN B 190 -19.05 26.93 -19.52
N THR B 191 -19.95 27.85 -19.21
CA THR B 191 -21.38 27.56 -19.17
C THR B 191 -21.91 26.93 -20.46
N ASP B 192 -21.57 27.52 -21.60
CA ASP B 192 -22.04 27.01 -22.89
C ASP B 192 -21.51 25.60 -23.13
N LEU B 193 -20.19 25.45 -23.02
CA LEU B 193 -19.55 24.15 -23.17
C LEU B 193 -20.22 23.16 -22.24
N TYR B 194 -20.41 23.59 -21.00
CA TYR B 194 -21.02 22.75 -19.98
C TYR B 194 -22.41 22.29 -20.42
N ARG B 195 -23.27 23.24 -20.75
CA ARG B 195 -24.62 22.90 -21.21
C ARG B 195 -24.57 21.96 -22.40
N GLU B 196 -23.73 22.29 -23.37
CA GLU B 196 -23.65 21.49 -24.59
C GLU B 196 -23.15 20.09 -24.27
N ALA B 197 -22.35 19.97 -23.21
CA ALA B 197 -21.83 18.66 -22.81
C ALA B 197 -22.91 17.85 -22.10
N LYS B 198 -23.93 18.54 -21.62
CA LYS B 198 -25.06 17.89 -20.97
C LYS B 198 -24.66 17.11 -19.72
N ILE B 199 -23.83 17.75 -18.90
CA ILE B 199 -23.43 17.23 -17.60
C ILE B 199 -24.62 17.22 -16.65
N ASP B 200 -24.82 16.10 -15.96
CA ASP B 200 -25.98 16.00 -15.07
C ASP B 200 -25.73 16.65 -13.71
N GLY B 201 -24.46 16.75 -13.33
CA GLY B 201 -24.15 17.35 -12.03
C GLY B 201 -22.67 17.52 -11.76
N SER B 202 -22.37 18.37 -10.79
CA SER B 202 -20.99 18.64 -10.41
C SER B 202 -20.89 18.64 -8.89
N VAL B 203 -19.89 17.95 -8.38
CA VAL B 203 -19.52 18.09 -6.98
C VAL B 203 -18.06 18.57 -6.94
N SER B 204 -17.76 19.51 -7.84
CA SER B 204 -16.48 20.19 -7.89
C SER B 204 -16.32 21.17 -6.74
N ALA B 205 -15.11 21.35 -6.25
CA ALA B 205 -14.91 22.21 -5.08
C ALA B 205 -13.50 22.81 -4.98
N LEU B 206 -13.38 23.80 -4.11
CA LEU B 206 -12.06 24.25 -3.66
C LEU B 206 -11.85 23.59 -2.31
N SER B 208 -9.27 23.61 1.29
CA SER B 208 -8.21 24.23 2.06
C SER B 208 -7.91 23.38 3.30
N LEU B 209 -6.77 23.63 3.93
CA LEU B 209 -6.40 22.96 5.16
C LEU B 209 -7.18 23.57 6.32
N ALA B 210 -7.73 22.71 7.17
CA ALA B 210 -8.62 23.14 8.23
C ALA B 210 -7.97 24.16 9.15
N ASP B 211 -6.66 24.06 9.37
CA ASP B 211 -5.97 24.98 10.24
C ASP B 211 -5.54 26.27 9.53
N HIS B 212 -5.82 26.34 8.24
CA HIS B 212 -5.55 27.55 7.44
C HIS B 212 -6.67 27.72 6.42
N PRO B 213 -7.90 27.89 6.91
CA PRO B 213 -9.09 27.79 6.07
C PRO B 213 -9.20 28.83 4.96
N GLU B 214 -8.44 29.92 5.02
CA GLU B 214 -8.54 30.94 3.98
C GLU B 214 -7.46 30.85 2.91
N VAL B 215 -6.76 29.72 2.83
CA VAL B 215 -5.81 29.51 1.75
C VAL B 215 -6.17 28.25 0.96
N PRO B 216 -6.75 28.43 -0.23
CA PRO B 216 -7.07 27.25 -1.07
C PRO B 216 -5.79 26.55 -1.52
N VAL B 217 -5.71 25.25 -1.30
CA VAL B 217 -4.55 24.47 -1.70
C VAL B 217 -4.97 23.43 -2.71
N SER B 218 -6.25 23.43 -3.05
CA SER B 218 -6.76 22.45 -3.98
C SER B 218 -7.94 22.93 -4.78
N LEU B 219 -7.94 22.56 -6.07
CA LEU B 219 -9.14 22.59 -6.88
C LEU B 219 -9.47 21.13 -7.19
N VAL B 221 -12.26 18.97 -9.61
CA VAL B 221 -13.40 18.92 -10.52
C VAL B 221 -13.99 17.49 -10.54
N HIS B 222 -15.30 17.40 -10.31
CA HIS B 222 -16.01 16.14 -10.37
C HIS B 222 -17.26 16.33 -11.19
N LEU B 223 -17.32 15.69 -12.35
CA LEU B 223 -18.48 15.84 -13.23
C LEU B 223 -19.12 14.49 -13.47
N PHE B 224 -20.42 14.39 -13.22
CA PHE B 224 -21.13 13.13 -13.49
C PHE B 224 -22.20 13.28 -14.56
N LYS B 225 -22.34 12.24 -15.37
CA LYS B 225 -23.33 12.21 -16.43
C LYS B 225 -23.88 10.81 -16.62
N GLU B 226 -25.20 10.68 -16.63
CA GLU B 226 -25.87 9.40 -16.74
C GLU B 226 -25.78 8.80 -18.13
N VAL B 227 -25.83 7.48 -18.17
CA VAL B 227 -26.00 6.76 -19.41
C VAL B 227 -27.05 5.68 -19.15
N PRO B 228 -27.49 4.97 -20.20
CA PRO B 228 -28.55 4.00 -19.95
C PRO B 228 -28.14 2.93 -18.94
N ASP B 229 -26.86 2.56 -18.91
CA ASP B 229 -26.41 1.46 -18.05
C ASP B 229 -25.94 1.90 -16.66
N GLY B 230 -25.85 3.21 -16.44
CA GLY B 230 -25.39 3.71 -15.17
C GLY B 230 -24.95 5.17 -15.23
N TYR B 232 -21.16 7.81 -15.41
CA TYR B 232 -19.72 8.04 -15.37
C TYR B 232 -19.39 9.25 -14.52
N LEU B 233 -18.32 9.15 -13.75
CA LEU B 233 -17.83 10.24 -12.91
C LEU B 233 -16.40 10.60 -13.33
N THR B 234 -16.22 11.76 -13.94
CA THR B 234 -14.89 12.21 -14.34
C THR B 234 -14.30 13.14 -13.29
N SER B 235 -13.08 12.84 -12.84
CA SER B 235 -12.49 13.58 -11.73
C SER B 235 -11.08 14.09 -12.00
N ARG B 236 -10.82 15.31 -11.53
CA ARG B 236 -9.50 15.91 -11.57
C ARG B 236 -9.16 16.50 -10.21
N TYR B 237 -7.98 16.15 -9.69
CA TYR B 237 -7.52 16.73 -8.43
C TYR B 237 -6.23 17.51 -8.65
N TRP B 238 -6.17 18.73 -8.10
CA TRP B 238 -4.94 19.50 -8.04
C TRP B 238 -4.72 19.88 -6.60
N VAL B 239 -3.56 19.53 -6.04
CA VAL B 239 -3.25 19.87 -4.66
C VAL B 239 -1.83 20.41 -4.56
N GLY B 240 -1.72 21.70 -4.28
CA GLY B 240 -0.43 22.37 -4.18
C GLY B 240 -0.52 23.84 -4.52
N ALA B 241 0.52 24.34 -5.16
CA ALA B 241 0.58 25.75 -5.55
C ALA B 241 0.75 25.85 -7.06
N HIS B 242 0.16 26.88 -7.65
CA HIS B 242 0.30 27.11 -9.08
C HIS B 242 -0.18 28.51 -9.46
N PRO B 243 0.51 29.17 -10.39
CA PRO B 243 0.16 30.55 -10.77
C PRO B 243 -1.29 30.62 -11.22
N SER B 244 -1.80 29.57 -11.84
CA SER B 244 -3.16 29.58 -12.35
C SER B 244 -4.21 29.49 -11.24
N ALA B 246 -4.24 31.49 -8.83
CA ALA B 246 -4.32 32.84 -8.27
C ALA B 246 -5.72 33.44 -8.36
N ARG B 247 -6.50 33.01 -9.35
CA ARG B 247 -7.87 33.51 -9.50
C ARG B 247 -8.75 33.20 -8.29
N PHE B 248 -8.29 32.27 -7.44
CA PHE B 248 -9.02 31.92 -6.23
C PHE B 248 -8.48 32.67 -5.02
N PRO B 249 -9.37 33.34 -4.27
CA PRO B 249 -8.97 34.22 -3.16
C PRO B 249 -8.08 33.50 -2.15
N GLY B 250 -6.90 34.07 -1.90
CA GLY B 250 -5.98 33.53 -0.93
C GLY B 250 -5.05 32.45 -1.46
N ALA B 251 -5.31 31.98 -2.69
CA ALA B 251 -4.54 30.87 -3.24
C ALA B 251 -3.05 31.21 -3.41
N GLU B 252 -2.74 32.49 -3.57
CA GLU B 252 -1.35 32.87 -3.76
C GLU B 252 -0.50 32.48 -2.55
N LYS B 253 -1.13 32.36 -1.38
CA LYS B 253 -0.41 32.05 -0.15
C LYS B 253 -0.10 30.57 0.02
N ALA B 254 -0.54 29.74 -0.92
CA ALA B 254 -0.39 28.29 -0.77
C ALA B 254 1.08 27.85 -0.83
N ALA B 255 1.85 28.42 -1.75
CA ALA B 255 3.27 28.07 -1.89
C ALA B 255 4.00 28.15 -0.55
N SER B 256 3.96 29.33 0.06
CA SER B 256 4.56 29.52 1.38
C SER B 256 3.98 28.59 2.44
N LEU B 257 2.65 28.49 2.47
CA LEU B 257 1.98 27.64 3.46
C LEU B 257 2.43 26.18 3.32
N LEU B 258 2.52 25.69 2.09
CA LEU B 258 2.98 24.33 1.86
C LEU B 258 4.43 24.17 2.33
N LYS B 259 5.29 25.12 1.93
CA LYS B 259 6.70 25.10 2.33
C LYS B 259 6.88 25.03 3.83
N GLU B 260 5.99 25.69 4.55
CA GLU B 260 6.10 25.81 6.01
C GLU B 260 5.50 24.64 6.75
N ASN B 261 4.56 23.96 6.11
CA ASN B 261 4.12 22.68 6.64
C ASN B 261 4.94 21.57 5.96
N GLY B 262 4.47 20.35 6.00
CA GLY B 262 5.31 19.25 5.55
C GLY B 262 5.52 19.12 4.04
N PHE B 263 4.99 20.02 3.24
CA PHE B 263 4.77 19.71 1.83
C PHE B 263 5.79 20.21 0.80
N GLY B 264 6.84 19.43 0.61
CA GLY B 264 7.77 19.65 -0.48
C GLY B 264 7.40 18.83 -1.70
N GLU B 265 8.24 18.90 -2.72
CA GLU B 265 8.04 18.13 -3.95
C GLU B 265 7.81 16.64 -3.68
N ALA B 266 8.64 16.05 -2.82
CA ALA B 266 8.57 14.62 -2.56
C ALA B 266 7.25 14.25 -1.91
N GLU B 267 6.85 15.05 -0.93
CA GLU B 267 5.61 14.80 -0.20
C GLU B 267 4.40 14.96 -1.13
N LEU B 268 4.46 15.93 -2.03
CA LEU B 268 3.34 16.15 -2.94
C LEU B 268 3.25 15.09 -4.04
N GLU B 269 4.39 14.58 -4.51
CA GLU B 269 4.34 13.54 -5.53
C GLU B 269 3.77 12.26 -4.92
N THR B 270 4.20 11.97 -3.69
CA THR B 270 3.64 10.88 -2.92
C THR B 270 2.14 11.07 -2.72
N LEU B 271 1.75 12.27 -2.31
CA LEU B 271 0.36 12.60 -2.10
C LEU B 271 -0.45 12.42 -3.38
N ALA B 272 0.16 12.71 -4.53
CA ALA B 272 -0.55 12.55 -5.80
C ALA B 272 -0.90 11.07 -6.04
N TYR B 273 0.03 10.16 -5.74
CA TYR B 273 -0.27 8.73 -5.83
C TYR B 273 -1.29 8.28 -4.78
N GLU B 274 -1.12 8.74 -3.54
CA GLU B 274 -2.03 8.30 -2.48
C GLU B 274 -3.46 8.81 -2.72
N PHE B 275 -3.59 10.01 -3.29
CA PHE B 275 -4.89 10.54 -3.71
C PHE B 275 -5.50 9.69 -4.83
N ALA B 276 -4.68 9.30 -5.80
CA ALA B 276 -5.16 8.43 -6.88
C ALA B 276 -5.73 7.11 -6.32
N VAL B 277 -4.98 6.50 -5.41
CA VAL B 277 -5.44 5.28 -4.76
C VAL B 277 -6.72 5.49 -3.97
N HIS B 278 -6.77 6.57 -3.19
CA HIS B 278 -7.92 6.91 -2.35
C HIS B 278 -9.18 7.09 -3.20
N ASP B 279 -9.06 7.93 -4.22
CA ASP B 279 -10.12 8.21 -5.18
C ASP B 279 -10.64 6.93 -5.84
N CYS B 281 -10.37 3.77 -4.86
CA CYS B 281 -10.98 2.88 -3.88
C CYS B 281 -12.38 3.35 -3.46
N GLU B 282 -12.50 4.59 -3.01
CA GLU B 282 -13.76 5.04 -2.42
C GLU B 282 -14.88 5.12 -3.46
N PHE B 283 -14.54 5.56 -4.67
CA PHE B 283 -15.60 5.76 -5.66
C PHE B 283 -16.06 4.46 -6.30
N ASN B 284 -15.12 3.56 -6.60
CA ASN B 284 -15.54 2.23 -7.04
C ASN B 284 -16.30 1.51 -5.94
N HIS B 285 -15.85 1.66 -4.71
CA HIS B 285 -16.55 1.02 -3.60
C HIS B 285 -17.98 1.58 -3.48
N LEU B 286 -18.10 2.90 -3.50
CA LEU B 286 -19.43 3.53 -3.47
C LEU B 286 -20.31 2.97 -4.58
N ALA B 287 -19.74 2.83 -5.77
CA ALA B 287 -20.50 2.29 -6.89
C ALA B 287 -21.02 0.89 -6.59
N SER B 288 -20.32 0.14 -5.74
CA SER B 288 -20.69 -1.25 -5.48
C SER B 288 -21.95 -1.41 -4.62
N PHE B 289 -22.32 -0.37 -3.86
CA PHE B 289 -23.51 -0.50 -2.99
C PHE B 289 -24.54 0.62 -3.09
N LEU B 290 -24.16 1.75 -3.69
CA LEU B 290 -25.03 2.94 -3.68
C LEU B 290 -26.47 2.68 -4.14
N PRO B 291 -26.65 2.02 -5.29
CA PRO B 291 -28.02 1.75 -5.74
C PRO B 291 -28.83 0.93 -4.74
N ASP B 292 -28.22 -0.09 -4.12
CA ASP B 292 -28.90 -0.88 -3.11
C ASP B 292 -29.25 -0.01 -1.90
N LEU B 293 -28.26 0.77 -1.45
CA LEU B 293 -28.45 1.69 -0.35
C LEU B 293 -29.59 2.65 -0.63
N TYR B 294 -29.60 3.17 -1.85
CA TYR B 294 -30.62 4.14 -2.26
C TYR B 294 -32.04 3.54 -2.26
N ARG B 295 -32.19 2.34 -2.81
CA ARG B 295 -33.48 1.64 -2.84
C ARG B 295 -34.11 1.53 -1.45
N GLU B 296 -33.24 1.35 -0.46
CA GLU B 296 -33.70 1.13 0.91
C GLU B 296 -33.80 2.40 1.75
N PHE B 297 -32.86 3.31 1.56
CA PHE B 297 -32.78 4.47 2.45
C PHE B 297 -33.06 5.81 1.77
N GLY B 298 -33.18 5.80 0.45
CA GLY B 298 -33.27 7.04 -0.31
C GLY B 298 -34.62 7.72 -0.28
N THR B 299 -34.67 8.93 -0.84
CA THR B 299 -35.93 9.67 -0.96
C THR B 299 -35.97 10.37 -2.32
#